data_5C3U
#
_entry.id   5C3U
#
_cell.length_a   72.980
_cell.length_b   72.885
_cell.length_c   111.121
_cell.angle_alpha   90.00
_cell.angle_beta   90.00
_cell.angle_gamma   90.00
#
_symmetry.space_group_name_H-M   'C 2 2 21'
#
loop_
_entity.id
_entity.type
_entity.pdbx_description
1 polymer 'L-serine ammonia-lyase'
2 non-polymer "PYRIDOXAL-5'-PHOSPHATE"
3 water water
#
_entity_poly.entity_id   1
_entity_poly.type   'polypeptide(L)'
_entity_poly.pdbx_seq_one_letter_code
;MDDSSDEDNLLFDDLQSLHVATPLLHAPNLTKELECNVFLKMENIQPSGSVKMRGIGAFCYQAVQTRGTNIQFVCGSGPN
TVLAVSYCARQLGVEAIIVVPKATNERICQSIRTDGSHLILYGENWTAAEVHARKLVRRNGIYVPSSDHALIWQGHSTIV
QELKTQLNDNPPAAIICPVGGGGLLNGVIMGLQEADWKDVPVIAVETHGSNAFQASVVAGELVIMEKNNTIATSLISKAV
SSKSLELSLNHPVVPFAVSDAMAADAVRLFAEDFKMLVEASAGAALSLCYTHLIRDILPSLSPAKDVVVLVTGGSDISLA
HLDEYRKKYMHPAVVVKSGSEIFMKMDNTLQSVADVDPENVDVHSS
;
_entity_poly.pdbx_strand_id   A
#
loop_
_chem_comp.id
_chem_comp.type
_chem_comp.name
_chem_comp.formula
PLP non-polymer PYRIDOXAL-5'-PHOSPHATE 'C8 H10 N O6 P'
#
# COMPACT_ATOMS: atom_id res chain seq x y z
N GLN A 16 -18.17 13.67 0.01
CA GLN A 16 -16.93 13.71 -0.82
C GLN A 16 -16.10 12.44 -0.64
N SER A 17 -15.26 12.40 0.40
CA SER A 17 -14.37 11.26 0.60
C SER A 17 -14.13 10.89 2.07
N LEU A 18 -13.79 9.62 2.28
CA LEU A 18 -13.55 9.06 3.59
C LEU A 18 -12.08 9.18 4.07
N HIS A 19 -11.17 9.35 3.12
CA HIS A 19 -9.76 9.58 3.43
C HIS A 19 -9.50 11.05 3.75
N VAL A 20 -8.30 11.33 4.23
CA VAL A 20 -7.92 12.68 4.65
C VAL A 20 -6.69 13.07 3.87
N ALA A 21 -6.44 14.37 3.74
CA ALA A 21 -5.15 14.81 3.21
C ALA A 21 -4.06 14.54 4.25
N THR A 22 -2.92 14.06 3.80
CA THR A 22 -1.89 13.61 4.72
C THR A 22 -0.64 14.47 4.57
N PRO A 23 0.17 14.57 5.63
CA PRO A 23 1.42 15.35 5.56
C PRO A 23 2.41 14.83 4.54
N LEU A 24 3.16 15.76 3.94
CA LEU A 24 4.36 15.43 3.17
C LEU A 24 5.56 15.93 3.97
N LEU A 25 6.23 15.01 4.68
CA LEU A 25 7.33 15.39 5.58
C LEU A 25 8.70 15.37 4.91
N HIS A 26 9.49 16.39 5.19
CA HIS A 26 10.86 16.41 4.76
C HIS A 26 11.68 15.53 5.66
N ALA A 27 12.58 14.75 5.07
CA ALA A 27 13.46 13.86 5.83
C ALA A 27 14.90 14.43 5.84
N PRO A 28 15.25 15.28 6.82
CA PRO A 28 16.53 15.99 6.66
C PRO A 28 17.81 15.15 6.79
N ASN A 29 17.80 14.12 7.62
CA ASN A 29 19.00 13.29 7.77
C ASN A 29 19.24 12.49 6.51
N LEU A 30 18.15 12.02 5.92
CA LEU A 30 18.19 11.30 4.65
C LEU A 30 18.60 12.19 3.49
N THR A 31 18.07 13.41 3.47
CA THR A 31 18.41 14.39 2.43
CA THR A 31 18.39 14.42 2.46
C THR A 31 19.91 14.68 2.45
N LYS A 32 20.47 14.83 3.65
CA LYS A 32 21.91 15.05 3.79
C LYS A 32 22.72 13.85 3.31
N GLU A 33 22.34 12.66 3.76
CA GLU A 33 23.02 11.43 3.41
C GLU A 33 23.01 11.17 1.90
N LEU A 34 21.87 11.41 1.27
CA LEU A 34 21.66 11.03 -0.13
C LEU A 34 22.02 12.11 -1.12
N GLU A 35 22.27 13.33 -0.62
CA GLU A 35 22.55 14.48 -1.48
C GLU A 35 21.39 14.70 -2.45
N CYS A 36 20.18 14.61 -1.90
CA CYS A 36 18.95 14.71 -2.67
C CYS A 36 17.80 14.94 -1.69
N ASN A 37 16.84 15.78 -2.04
CA ASN A 37 15.70 16.04 -1.16
C ASN A 37 14.74 14.86 -1.09
N VAL A 38 14.54 14.34 0.12
CA VAL A 38 13.66 13.21 0.35
C VAL A 38 12.42 13.68 1.08
N PHE A 39 11.25 13.42 0.48
CA PHE A 39 9.98 13.75 1.09
C PHE A 39 9.21 12.46 1.36
N LEU A 40 8.50 12.42 2.47
CA LEU A 40 7.78 11.24 2.87
C LEU A 40 6.28 11.55 2.91
N LYS A 41 5.51 10.84 2.09
CA LYS A 41 4.05 11.01 2.05
C LYS A 41 3.42 10.07 3.09
N MET A 42 2.87 10.63 4.17
CA MET A 42 2.55 9.85 5.38
C MET A 42 1.12 9.27 5.44
N GLU A 43 0.91 8.18 4.71
CA GLU A 43 -0.40 7.49 4.71
C GLU A 43 -0.79 6.75 6.00
N ASN A 44 0.16 6.62 6.94
CA ASN A 44 -0.15 6.03 8.25
C ASN A 44 -1.11 6.88 9.06
N ILE A 45 -1.29 8.13 8.61
CA ILE A 45 -2.18 9.10 9.27
C ILE A 45 -3.66 8.94 8.83
N GLN A 46 -3.89 8.19 7.76
CA GLN A 46 -5.26 7.93 7.29
C GLN A 46 -6.09 7.26 8.37
N PRO A 47 -7.41 7.54 8.40
CA PRO A 47 -8.28 6.70 9.21
C PRO A 47 -8.05 5.25 8.82
N SER A 48 -8.07 4.40 9.82
CA SER A 48 -7.74 2.95 9.70
C SER A 48 -6.24 2.62 9.61
N GLY A 49 -5.39 3.61 9.32
CA GLY A 49 -3.94 3.44 9.52
C GLY A 49 -3.10 3.17 8.29
N SER A 50 -3.72 3.23 7.13
CA SER A 50 -2.98 2.98 5.88
C SER A 50 -3.56 3.66 4.66
N VAL A 51 -2.79 3.64 3.57
CA VAL A 51 -3.19 4.15 2.25
C VAL A 51 -4.51 3.52 1.72
N LYS A 52 -4.86 2.32 2.20
CA LYS A 52 -6.09 1.65 1.78
C LYS A 52 -7.30 2.53 1.94
N MET A 53 -7.28 3.42 2.94
CA MET A 53 -8.39 4.35 3.12
C MET A 53 -8.73 5.13 1.83
N ARG A 54 -7.75 5.44 0.97
CA ARG A 54 -8.03 6.16 -0.28
C ARG A 54 -8.80 5.27 -1.26
N GLY A 55 -8.16 4.17 -1.69
CA GLY A 55 -8.76 3.26 -2.66
C GLY A 55 -10.03 2.61 -2.14
N ILE A 56 -9.92 2.03 -0.94
CA ILE A 56 -11.04 1.27 -0.37
C ILE A 56 -12.19 2.19 0.02
N GLY A 57 -11.85 3.37 0.54
CA GLY A 57 -12.81 4.44 0.82
C GLY A 57 -13.65 4.81 -0.40
N ALA A 58 -12.99 4.94 -1.55
CA ALA A 58 -13.69 5.30 -2.78
C ALA A 58 -14.65 4.20 -3.23
N PHE A 59 -14.19 2.94 -3.16
CA PHE A 59 -15.00 1.79 -3.54
C PHE A 59 -16.23 1.71 -2.64
N CYS A 60 -16.00 1.78 -1.33
CA CYS A 60 -17.11 1.64 -0.36
C CYS A 60 -18.15 2.76 -0.46
N TYR A 61 -17.66 3.99 -0.60
CA TYR A 61 -18.51 5.18 -0.77
C TYR A 61 -19.42 5.04 -1.98
N GLN A 62 -18.84 4.68 -3.13
CA GLN A 62 -19.57 4.48 -4.35
C GLN A 62 -20.56 3.32 -4.26
N ALA A 63 -20.15 2.22 -3.60
CA ALA A 63 -21.06 1.10 -3.43
C ALA A 63 -22.33 1.53 -2.72
N VAL A 64 -22.18 2.33 -1.66
CA VAL A 64 -23.34 2.79 -0.90
C VAL A 64 -24.18 3.80 -1.72
N GLN A 65 -23.51 4.67 -2.47
CA GLN A 65 -24.23 5.63 -3.35
C GLN A 65 -25.11 4.88 -4.37
N THR A 66 -24.59 3.78 -4.89
CA THR A 66 -25.34 3.03 -5.90
C THR A 66 -26.36 2.02 -5.32
N ARG A 67 -25.98 1.32 -4.26
CA ARG A 67 -26.73 0.15 -3.80
C ARG A 67 -27.47 0.39 -2.47
N GLY A 68 -27.23 1.51 -1.83
CA GLY A 68 -27.91 1.84 -0.56
C GLY A 68 -27.23 1.26 0.65
N THR A 69 -27.88 1.38 1.80
CA THR A 69 -27.29 1.01 3.06
C THR A 69 -27.79 -0.34 3.62
N ASN A 70 -28.52 -1.10 2.81
CA ASN A 70 -28.92 -2.46 3.20
C ASN A 70 -27.96 -3.54 2.73
N ILE A 71 -26.87 -3.12 2.10
CA ILE A 71 -25.86 -4.06 1.62
C ILE A 71 -25.01 -4.57 2.77
N GLN A 72 -24.22 -5.60 2.49
CA GLN A 72 -23.21 -6.06 3.43
C GLN A 72 -21.90 -5.94 2.69
N PHE A 73 -20.88 -5.34 3.31
CA PHE A 73 -19.56 -5.43 2.69
C PHE A 73 -18.92 -6.72 3.21
N VAL A 74 -18.22 -7.44 2.34
CA VAL A 74 -17.57 -8.69 2.74
C VAL A 74 -16.11 -8.55 2.34
N CYS A 75 -15.20 -8.90 3.26
CA CYS A 75 -13.79 -8.77 2.93
C CYS A 75 -12.91 -9.72 3.73
N GLY A 76 -12.00 -10.38 3.03
CA GLY A 76 -10.91 -11.14 3.67
C GLY A 76 -9.53 -10.84 3.05
N SER A 77 -9.45 -9.72 2.31
CA SER A 77 -8.33 -9.46 1.37
C SER A 77 -7.18 -8.64 1.95
N GLY A 78 -6.68 -9.07 3.11
CA GLY A 78 -5.45 -8.48 3.66
C GLY A 78 -5.71 -7.61 4.87
N PRO A 79 -4.67 -7.37 5.67
CA PRO A 79 -4.96 -6.73 6.97
C PRO A 79 -5.44 -5.28 6.82
N ASN A 80 -4.81 -4.53 5.93
CA ASN A 80 -5.20 -3.12 5.85
C ASN A 80 -6.48 -2.93 5.08
N THR A 81 -6.77 -3.85 4.16
CA THR A 81 -8.04 -3.80 3.45
C THR A 81 -9.20 -4.04 4.43
N VAL A 82 -9.09 -5.07 5.27
CA VAL A 82 -10.21 -5.37 6.16
C VAL A 82 -10.39 -4.24 7.15
N LEU A 83 -9.30 -3.62 7.59
CA LEU A 83 -9.43 -2.49 8.54
C LEU A 83 -10.15 -1.29 7.89
N ALA A 84 -9.83 -1.02 6.63
CA ALA A 84 -10.42 0.08 5.88
C ALA A 84 -11.91 -0.20 5.65
N VAL A 85 -12.23 -1.43 5.29
CA VAL A 85 -13.64 -1.82 5.06
C VAL A 85 -14.42 -1.66 6.38
N SER A 86 -13.84 -2.16 7.47
CA SER A 86 -14.50 -2.06 8.81
C SER A 86 -14.80 -0.60 9.18
N TYR A 87 -13.80 0.25 9.02
CA TYR A 87 -13.95 1.68 9.25
C TYR A 87 -15.02 2.30 8.37
N CYS A 88 -14.97 2.05 7.06
CA CYS A 88 -15.95 2.64 6.12
C CYS A 88 -17.38 2.16 6.41
N ALA A 89 -17.53 0.89 6.81
CA ALA A 89 -18.86 0.36 7.01
C ALA A 89 -19.45 1.09 8.20
N ARG A 90 -18.66 1.27 9.25
CA ARG A 90 -19.16 2.03 10.42
C ARG A 90 -19.53 3.48 10.03
N GLN A 91 -18.71 4.15 9.22
CA GLN A 91 -18.96 5.55 8.82
C GLN A 91 -20.19 5.66 7.93
N LEU A 92 -20.37 4.66 7.07
CA LEU A 92 -21.48 4.64 6.11
C LEU A 92 -22.79 4.05 6.65
N GLY A 93 -22.73 3.46 7.85
CA GLY A 93 -23.90 2.80 8.45
C GLY A 93 -24.31 1.49 7.77
N VAL A 94 -23.33 0.67 7.40
CA VAL A 94 -23.55 -0.54 6.62
C VAL A 94 -22.98 -1.73 7.37
N GLU A 95 -23.60 -2.89 7.21
CA GLU A 95 -23.05 -4.16 7.73
C GLU A 95 -21.73 -4.58 7.08
N ALA A 96 -20.79 -5.07 7.88
CA ALA A 96 -19.55 -5.63 7.29
C ALA A 96 -19.30 -7.02 7.87
N ILE A 97 -18.93 -7.93 6.98
CA ILE A 97 -18.55 -9.28 7.35
C ILE A 97 -17.05 -9.39 7.01
N ILE A 98 -16.24 -9.62 8.02
CA ILE A 98 -14.80 -9.56 7.86
C ILE A 98 -14.16 -10.92 8.23
N VAL A 99 -13.35 -11.49 7.35
CA VAL A 99 -12.61 -12.72 7.68
C VAL A 99 -11.10 -12.41 7.82
N VAL A 100 -10.50 -12.91 8.89
CA VAL A 100 -9.05 -12.76 9.07
C VAL A 100 -8.47 -14.14 9.41
N PRO A 101 -7.16 -14.37 9.13
CA PRO A 101 -6.56 -15.68 9.40
C PRO A 101 -6.63 -16.02 10.87
N LYS A 102 -6.62 -17.32 11.16
CA LYS A 102 -6.74 -17.83 12.52
C LYS A 102 -5.83 -17.14 13.54
N ALA A 103 -4.61 -16.78 13.14
CA ALA A 103 -3.61 -16.26 14.08
C ALA A 103 -3.38 -14.72 14.03
N THR A 104 -4.39 -13.97 13.61
CA THR A 104 -4.28 -12.53 13.39
C THR A 104 -3.97 -11.68 14.65
N ASN A 105 -3.09 -10.69 14.46
CA ASN A 105 -2.75 -9.66 15.44
C ASN A 105 -4.00 -9.22 16.20
N GLU A 106 -3.91 -9.22 17.53
CA GLU A 106 -5.11 -9.06 18.35
C GLU A 106 -5.72 -7.66 18.29
N ARG A 107 -4.89 -6.65 18.08
CA ARG A 107 -5.41 -5.29 17.94
C ARG A 107 -6.15 -5.06 16.63
N ILE A 108 -5.74 -5.79 15.59
CA ILE A 108 -6.50 -5.80 14.35
C ILE A 108 -7.91 -6.33 14.63
N CYS A 109 -7.99 -7.45 15.35
CA CYS A 109 -9.25 -8.09 15.72
C CYS A 109 -10.11 -7.16 16.58
N GLN A 110 -9.47 -6.51 17.55
CA GLN A 110 -10.22 -5.63 18.45
C GLN A 110 -10.78 -4.42 17.70
N SER A 111 -9.99 -3.87 16.77
CA SER A 111 -10.44 -2.71 16.00
C SER A 111 -11.67 -3.05 15.19
N ILE A 112 -11.64 -4.24 14.57
CA ILE A 112 -12.75 -4.69 13.74
C ILE A 112 -14.02 -4.91 14.57
N ARG A 113 -13.87 -5.53 15.74
CA ARG A 113 -15.01 -5.70 16.67
C ARG A 113 -15.56 -4.37 17.17
N THR A 114 -14.66 -3.46 17.55
CA THR A 114 -15.07 -2.14 18.04
C THR A 114 -15.88 -1.37 16.98
N ASP A 115 -15.55 -1.56 15.70
CA ASP A 115 -16.27 -0.92 14.61
C ASP A 115 -17.68 -1.48 14.46
N GLY A 116 -17.93 -2.63 15.06
CA GLY A 116 -19.23 -3.30 14.96
C GLY A 116 -19.34 -4.29 13.79
N SER A 117 -18.21 -4.60 13.17
CA SER A 117 -18.18 -5.60 12.11
C SER A 117 -18.38 -6.99 12.68
N HIS A 118 -18.86 -7.90 11.84
CA HIS A 118 -18.90 -9.32 12.18
C HIS A 118 -17.61 -9.99 11.79
N LEU A 119 -16.86 -10.41 12.81
CA LEU A 119 -15.53 -10.95 12.59
C LEU A 119 -15.53 -12.47 12.60
N ILE A 120 -14.95 -13.07 11.57
CA ILE A 120 -14.75 -14.52 11.49
C ILE A 120 -13.26 -14.82 11.40
N LEU A 121 -12.80 -15.77 12.20
CA LEU A 121 -11.40 -16.19 12.17
C LEU A 121 -11.26 -17.47 11.38
N TYR A 122 -10.54 -17.41 10.27
CA TYR A 122 -10.46 -18.56 9.38
C TYR A 122 -9.28 -18.49 8.44
N GLY A 123 -8.54 -19.60 8.35
CA GLY A 123 -7.43 -19.73 7.38
C GLY A 123 -6.04 -19.64 7.99
N GLU A 124 -5.07 -20.21 7.29
CA GLU A 124 -3.68 -20.18 7.73
C GLU A 124 -2.98 -18.87 7.30
N ASN A 125 -3.54 -18.19 6.30
CA ASN A 125 -2.95 -16.94 5.81
C ASN A 125 -4.03 -16.09 5.12
N TRP A 126 -3.66 -14.89 4.65
CA TRP A 126 -4.63 -13.99 4.03
C TRP A 126 -5.25 -14.48 2.73
N THR A 127 -4.49 -15.26 1.96
CA THR A 127 -5.07 -15.87 0.76
C THR A 127 -6.26 -16.79 1.13
N ALA A 128 -6.09 -17.60 2.18
CA ALA A 128 -7.16 -18.50 2.61
C ALA A 128 -8.33 -17.72 3.20
N ALA A 129 -8.04 -16.65 3.93
CA ALA A 129 -9.11 -15.76 4.47
C ALA A 129 -9.96 -15.20 3.33
N GLU A 130 -9.28 -14.74 2.28
CA GLU A 130 -9.95 -14.21 1.10
C GLU A 130 -10.83 -15.27 0.43
N VAL A 131 -10.29 -16.49 0.28
CA VAL A 131 -11.01 -17.58 -0.38
C VAL A 131 -12.29 -17.87 0.39
N HIS A 132 -12.18 -17.94 1.72
CA HIS A 132 -13.33 -18.16 2.58
C HIS A 132 -14.30 -17.01 2.53
N ALA A 133 -13.82 -15.79 2.69
CA ALA A 133 -14.69 -14.61 2.60
C ALA A 133 -15.50 -14.56 1.31
N ARG A 134 -14.89 -14.94 0.19
CA ARG A 134 -15.59 -14.90 -1.08
C ARG A 134 -16.83 -15.79 -1.12
N LYS A 135 -16.78 -16.90 -0.39
CA LYS A 135 -17.93 -17.82 -0.30
C LYS A 135 -19.05 -17.33 0.65
N LEU A 136 -18.85 -16.18 1.29
CA LEU A 136 -19.85 -15.66 2.25
C LEU A 136 -20.72 -14.58 1.67
N VAL A 137 -20.50 -14.26 0.40
CA VAL A 137 -21.19 -13.17 -0.24
C VAL A 137 -22.58 -13.64 -0.69
N ARG A 138 -23.60 -13.03 -0.11
CA ARG A 138 -25.00 -13.35 -0.41
C ARG A 138 -25.59 -12.36 -1.41
N ARG A 139 -26.90 -12.49 -1.70
CA ARG A 139 -27.56 -11.71 -2.75
C ARG A 139 -27.35 -10.17 -2.69
N ASN A 140 -27.25 -9.61 -1.49
CA ASN A 140 -27.02 -8.16 -1.37
C ASN A 140 -25.66 -7.86 -0.73
N GLY A 141 -24.75 -8.82 -0.84
CA GLY A 141 -23.39 -8.62 -0.32
C GLY A 141 -22.49 -8.14 -1.44
N ILE A 142 -21.44 -7.41 -1.07
CA ILE A 142 -20.49 -6.94 -2.07
C ILE A 142 -19.10 -7.26 -1.54
N TYR A 143 -18.35 -8.02 -2.31
CA TYR A 143 -16.97 -8.33 -1.97
C TYR A 143 -16.08 -7.12 -2.26
N VAL A 144 -15.20 -6.78 -1.31
CA VAL A 144 -14.29 -5.65 -1.47
C VAL A 144 -12.89 -6.16 -1.76
N PRO A 145 -12.43 -6.01 -3.02
CA PRO A 145 -11.09 -6.51 -3.29
C PRO A 145 -10.03 -5.54 -2.72
N SER A 146 -8.77 -5.96 -2.65
CA SER A 146 -7.75 -5.09 -2.08
C SER A 146 -7.18 -4.12 -3.14
N SER A 147 -7.19 -4.51 -4.41
CA SER A 147 -6.37 -3.83 -5.42
C SER A 147 -7.00 -3.67 -6.81
N ASP A 148 -7.66 -4.72 -7.30
CA ASP A 148 -7.97 -4.80 -8.73
C ASP A 148 -9.39 -4.33 -9.03
N HIS A 149 -9.62 -3.02 -8.96
CA HIS A 149 -10.90 -2.42 -9.32
C HIS A 149 -10.73 -0.98 -9.67
N ALA A 150 -11.45 -0.54 -10.70
CA ALA A 150 -11.34 0.82 -11.18
C ALA A 150 -11.58 1.85 -10.09
N LEU A 151 -12.51 1.57 -9.17
CA LEU A 151 -12.79 2.54 -8.10
C LEU A 151 -11.63 2.72 -7.14
N ILE A 152 -10.94 1.61 -6.86
CA ILE A 152 -9.75 1.62 -5.99
C ILE A 152 -8.66 2.47 -6.65
N TRP A 153 -8.39 2.26 -7.94
CA TRP A 153 -7.39 3.10 -8.59
C TRP A 153 -7.72 4.57 -8.55
N GLN A 154 -8.99 4.88 -8.81
CA GLN A 154 -9.46 6.26 -8.77
C GLN A 154 -9.25 6.88 -7.38
N GLY A 155 -9.60 6.12 -6.36
CA GLY A 155 -9.42 6.52 -4.98
C GLY A 155 -7.95 6.80 -4.66
N HIS A 156 -7.09 5.85 -5.02
CA HIS A 156 -5.66 6.01 -4.79
C HIS A 156 -5.08 7.18 -5.54
N SER A 157 -5.64 7.52 -6.71
CA SER A 157 -5.07 8.58 -7.55
C SER A 157 -5.12 9.94 -6.85
N THR A 158 -5.97 10.07 -5.82
CA THR A 158 -6.06 11.30 -5.04
C THR A 158 -4.70 11.65 -4.39
N ILE A 159 -3.86 10.64 -4.14
CA ILE A 159 -2.54 10.91 -3.56
C ILE A 159 -1.70 11.87 -4.43
N VAL A 160 -1.87 11.82 -5.75
CA VAL A 160 -1.02 12.60 -6.65
C VAL A 160 -1.47 14.06 -6.73
N GLN A 161 -2.79 14.25 -6.74
CA GLN A 161 -3.39 15.59 -6.65
C GLN A 161 -2.88 16.33 -5.42
N GLU A 162 -2.81 15.64 -4.28
CA GLU A 162 -2.21 16.19 -3.08
C GLU A 162 -0.72 16.51 -3.26
N LEU A 163 0.02 15.55 -3.80
CA LEU A 163 1.47 15.70 -4.01
C LEU A 163 1.81 16.92 -4.87
N LYS A 164 1.03 17.12 -5.92
CA LYS A 164 1.19 18.24 -6.85
C LYS A 164 1.14 19.58 -6.12
N THR A 165 0.14 19.71 -5.24
CA THR A 165 0.00 20.92 -4.43
C THR A 165 1.16 21.05 -3.46
N GLN A 166 1.41 19.99 -2.70
CA GLN A 166 2.44 20.01 -1.67
C GLN A 166 3.83 20.26 -2.21
N LEU A 167 4.09 19.85 -3.45
CA LEU A 167 5.40 20.09 -4.06
C LEU A 167 5.42 21.32 -4.97
N ASN A 168 4.38 22.15 -4.85
CA ASN A 168 4.31 23.43 -5.58
C ASN A 168 4.42 23.25 -7.09
N ASP A 169 3.76 22.21 -7.59
CA ASP A 169 3.77 21.88 -9.02
C ASP A 169 5.16 21.55 -9.62
N ASN A 170 6.15 21.31 -8.77
CA ASN A 170 7.46 20.83 -9.22
C ASN A 170 7.47 19.31 -9.28
N PRO A 171 7.51 18.74 -10.49
CA PRO A 171 7.59 17.28 -10.62
C PRO A 171 8.83 16.70 -9.93
N PRO A 172 8.66 15.64 -9.12
CA PRO A 172 9.84 15.10 -8.49
C PRO A 172 10.61 14.23 -9.45
N ALA A 173 11.85 13.92 -9.08
CA ALA A 173 12.71 13.03 -9.85
C ALA A 173 12.19 11.59 -9.84
N ALA A 174 11.48 11.22 -8.78
CA ALA A 174 10.90 9.88 -8.70
C ALA A 174 9.88 9.81 -7.58
N ILE A 175 8.96 8.87 -7.72
CA ILE A 175 8.03 8.48 -6.67
C ILE A 175 8.26 7.01 -6.41
N ILE A 176 8.53 6.64 -5.16
CA ILE A 176 8.80 5.25 -4.79
C ILE A 176 7.53 4.67 -4.18
N CYS A 177 7.06 3.58 -4.78
CA CYS A 177 5.71 3.07 -4.52
C CYS A 177 5.77 1.55 -4.29
N PRO A 178 5.39 1.09 -3.09
CA PRO A 178 5.31 -0.36 -2.83
C PRO A 178 4.24 -1.00 -3.72
N VAL A 179 4.49 -2.22 -4.23
CA VAL A 179 3.52 -2.95 -5.06
C VAL A 179 3.14 -4.32 -4.47
N GLY A 180 1.84 -4.51 -4.20
CA GLY A 180 1.23 -5.81 -3.87
C GLY A 180 0.49 -6.32 -5.09
N GLY A 181 -0.80 -5.99 -5.20
CA GLY A 181 -1.57 -6.35 -6.40
C GLY A 181 -1.59 -5.28 -7.47
N GLY A 182 -1.01 -4.11 -7.17
CA GLY A 182 -0.89 -3.03 -8.13
C GLY A 182 -1.95 -1.93 -8.11
N GLY A 183 -2.87 -1.96 -7.13
CA GLY A 183 -3.91 -0.93 -7.01
C GLY A 183 -3.35 0.46 -6.80
N LEU A 184 -2.44 0.58 -5.84
CA LEU A 184 -1.83 1.88 -5.52
C LEU A 184 -1.00 2.36 -6.70
N LEU A 185 -0.17 1.46 -7.21
CA LEU A 185 0.58 1.71 -8.42
C LEU A 185 -0.28 2.30 -9.54
N ASN A 186 -1.38 1.64 -9.86
CA ASN A 186 -2.30 2.12 -10.91
C ASN A 186 -2.83 3.52 -10.62
N GLY A 187 -3.26 3.78 -9.38
CA GLY A 187 -3.71 5.12 -9.03
C GLY A 187 -2.60 6.16 -9.16
N VAL A 188 -1.38 5.80 -8.77
CA VAL A 188 -0.25 6.73 -8.90
C VAL A 188 -0.02 7.10 -10.37
N ILE A 189 0.11 6.09 -11.21
CA ILE A 189 0.35 6.34 -12.63
C ILE A 189 -0.80 7.15 -13.25
N MET A 190 -2.04 6.75 -12.96
CA MET A 190 -3.21 7.47 -13.46
C MET A 190 -3.27 8.92 -12.97
N GLY A 191 -3.01 9.13 -11.68
CA GLY A 191 -2.86 10.47 -11.12
C GLY A 191 -1.80 11.31 -11.79
N LEU A 192 -0.66 10.69 -12.11
CA LEU A 192 0.45 11.40 -12.76
C LEU A 192 0.08 11.84 -14.18
N GLN A 193 -0.63 10.99 -14.91
CA GLN A 193 -1.14 11.37 -16.23
C GLN A 193 -2.15 12.52 -16.15
N GLU A 194 -3.07 12.46 -15.18
CA GLU A 194 -4.03 13.55 -14.95
C GLU A 194 -3.38 14.88 -14.54
N ALA A 195 -2.28 14.80 -13.80
CA ALA A 195 -1.53 15.99 -13.32
C ALA A 195 -0.58 16.57 -14.38
N ASP A 196 -0.52 15.92 -15.54
CA ASP A 196 0.47 16.18 -16.60
C ASP A 196 1.90 16.04 -16.10
N TRP A 197 2.14 14.93 -15.41
CA TRP A 197 3.45 14.58 -14.88
C TRP A 197 3.80 13.25 -15.44
N LYS A 198 3.61 13.15 -16.75
CA LYS A 198 3.72 11.90 -17.49
C LYS A 198 5.13 11.35 -17.56
N ASP A 199 6.11 12.19 -17.22
CA ASP A 199 7.53 11.83 -17.29
C ASP A 199 8.15 11.45 -15.94
N VAL A 200 7.40 11.62 -14.85
CA VAL A 200 7.86 11.25 -13.50
C VAL A 200 7.96 9.73 -13.37
N PRO A 201 9.18 9.19 -13.16
CA PRO A 201 9.35 7.75 -12.98
C PRO A 201 8.72 7.29 -11.68
N VAL A 202 8.10 6.11 -11.71
CA VAL A 202 7.63 5.48 -10.50
C VAL A 202 8.53 4.26 -10.28
N ILE A 203 9.15 4.19 -9.10
CA ILE A 203 9.91 3.02 -8.75
C ILE A 203 8.95 2.11 -8.00
N ALA A 204 8.66 0.98 -8.61
CA ALA A 204 7.66 0.03 -8.10
C ALA A 204 8.41 -1.03 -7.30
N VAL A 205 8.25 -1.01 -5.97
CA VAL A 205 9.08 -1.86 -5.12
CA VAL A 205 9.08 -1.86 -5.12
C VAL A 205 8.31 -3.06 -4.56
N GLU A 206 8.93 -4.23 -4.60
CA GLU A 206 8.40 -5.47 -4.06
C GLU A 206 9.53 -6.10 -3.25
N THR A 207 9.23 -7.18 -2.54
CA THR A 207 10.28 -7.98 -1.91
C THR A 207 10.48 -9.22 -2.74
N HIS A 208 11.66 -9.84 -2.64
CA HIS A 208 11.97 -11.01 -3.47
C HIS A 208 11.01 -12.13 -3.26
N GLY A 209 10.47 -12.25 -2.04
CA GLY A 209 9.54 -13.33 -1.68
C GLY A 209 8.22 -13.31 -2.41
N SER A 210 7.83 -12.17 -2.99
CA SER A 210 6.59 -12.08 -3.77
C SER A 210 6.68 -10.98 -4.82
N ASN A 211 7.24 -11.31 -5.99
CA ASN A 211 7.58 -10.26 -6.93
C ASN A 211 6.81 -10.35 -8.25
N ALA A 212 5.49 -10.60 -8.14
CA ALA A 212 4.67 -10.83 -9.35
C ALA A 212 4.72 -9.68 -10.36
N PHE A 213 4.75 -8.45 -9.88
CA PHE A 213 4.83 -7.32 -10.81
C PHE A 213 6.12 -7.33 -11.63
N GLN A 214 7.24 -7.46 -10.92
CA GLN A 214 8.56 -7.49 -11.54
C GLN A 214 8.65 -8.65 -12.53
N ALA A 215 8.20 -9.84 -12.09
CA ALA A 215 8.19 -11.04 -12.96
C ALA A 215 7.30 -10.87 -14.18
N SER A 216 6.15 -10.23 -13.99
CA SER A 216 5.19 -10.01 -15.07
C SER A 216 5.74 -9.06 -16.14
N VAL A 217 6.46 -8.01 -15.69
CA VAL A 217 7.09 -7.04 -16.61
C VAL A 217 8.15 -7.77 -17.44
N VAL A 218 8.95 -8.61 -16.79
CA VAL A 218 9.93 -9.41 -17.55
C VAL A 218 9.28 -10.32 -18.59
N ALA A 219 8.20 -10.99 -18.20
CA ALA A 219 7.53 -11.98 -19.08
C ALA A 219 6.65 -11.33 -20.15
N GLY A 220 6.21 -10.11 -19.89
CA GLY A 220 5.20 -9.46 -20.72
C GLY A 220 3.85 -10.18 -20.62
N GLU A 221 3.62 -10.88 -19.52
CA GLU A 221 2.28 -11.43 -19.24
C GLU A 221 2.11 -11.67 -17.74
N LEU A 222 0.90 -12.01 -17.32
CA LEU A 222 0.64 -12.08 -15.88
C LEU A 222 1.12 -13.39 -15.28
N VAL A 223 2.20 -13.30 -14.51
CA VAL A 223 2.77 -14.44 -13.85
C VAL A 223 1.91 -14.76 -12.63
N ILE A 224 1.64 -16.05 -12.43
CA ILE A 224 0.88 -16.55 -11.28
C ILE A 224 1.78 -17.25 -10.26
N MET A 225 1.67 -16.87 -8.99
CA MET A 225 2.54 -17.41 -7.96
C MET A 225 1.71 -17.97 -6.82
N GLU A 226 2.05 -19.18 -6.37
CA GLU A 226 1.38 -19.75 -5.19
C GLU A 226 2.35 -20.05 -4.05
N LYS A 227 1.91 -19.83 -2.81
CA LYS A 227 2.59 -20.24 -1.57
C LYS A 227 3.67 -19.25 -1.12
N ASN A 228 3.72 -18.10 -1.78
CA ASN A 228 4.71 -17.09 -1.47
C ASN A 228 4.50 -16.56 -0.06
N ASN A 229 5.58 -16.18 0.58
CA ASN A 229 5.47 -15.51 1.86
C ASN A 229 6.60 -14.47 1.94
N THR A 230 6.45 -13.51 2.84
CA THR A 230 7.40 -12.42 3.01
C THR A 230 6.88 -11.69 4.25
N ILE A 231 7.77 -11.05 4.99
CA ILE A 231 7.34 -10.19 6.11
C ILE A 231 6.46 -9.03 5.62
N ALA A 232 6.54 -8.70 4.34
CA ALA A 232 5.75 -7.60 3.79
C ALA A 232 4.37 -8.15 3.40
N THR A 233 3.52 -8.32 4.41
CA THR A 233 2.26 -9.05 4.22
C THR A 233 1.36 -8.43 3.16
N SER A 234 1.31 -7.10 3.10
CA SER A 234 0.39 -6.43 2.18
C SER A 234 0.89 -6.46 0.74
N LEU A 235 2.11 -6.93 0.56
CA LEU A 235 2.69 -7.03 -0.81
C LEU A 235 2.56 -8.42 -1.40
N ILE A 236 2.07 -9.38 -0.62
CA ILE A 236 1.81 -10.72 -1.15
C ILE A 236 0.62 -10.66 -2.14
N SER A 237 0.82 -11.13 -3.37
CA SER A 237 -0.30 -11.27 -4.29
C SER A 237 0.01 -12.48 -5.20
N LYS A 238 -1.03 -13.21 -5.61
CA LYS A 238 -0.85 -14.35 -6.52
C LYS A 238 -0.52 -13.84 -7.93
N ALA A 239 -1.05 -12.66 -8.25
CA ALA A 239 -0.85 -12.03 -9.55
C ALA A 239 -1.02 -10.53 -9.43
N VAL A 240 -0.41 -9.78 -10.32
CA VAL A 240 -0.62 -8.33 -10.32
C VAL A 240 -1.83 -8.03 -11.23
N SER A 241 -2.48 -6.88 -11.04
CA SER A 241 -3.63 -6.54 -11.88
C SER A 241 -3.19 -6.39 -13.34
N SER A 242 -4.03 -6.84 -14.26
CA SER A 242 -3.74 -6.67 -15.70
C SER A 242 -3.55 -5.18 -16.09
N LYS A 243 -4.24 -4.29 -15.37
CA LYS A 243 -4.07 -2.85 -15.60
C LYS A 243 -2.65 -2.39 -15.30
N SER A 244 -2.00 -3.01 -14.30
CA SER A 244 -0.64 -2.59 -13.90
C SER A 244 0.36 -2.81 -15.02
N LEU A 245 0.27 -3.98 -15.64
CA LEU A 245 1.13 -4.36 -16.77
C LEU A 245 0.89 -3.45 -17.97
N GLU A 246 -0.39 -3.17 -18.24
CA GLU A 246 -0.79 -2.26 -19.31
C GLU A 246 -0.23 -0.85 -19.12
N LEU A 247 -0.39 -0.28 -17.92
CA LEU A 247 0.13 1.05 -17.62
C LEU A 247 1.66 1.08 -17.65
N SER A 248 2.29 -0.03 -17.32
CA SER A 248 3.75 -0.11 -17.28
C SER A 248 4.36 0.04 -18.67
N LEU A 249 3.58 -0.23 -19.72
CA LEU A 249 4.06 -0.06 -21.10
C LEU A 249 4.03 1.40 -21.57
N ASN A 250 3.17 2.22 -20.96
CA ASN A 250 2.94 3.60 -21.40
C ASN A 250 3.42 4.71 -20.45
N HIS A 251 4.10 4.33 -19.38
CA HIS A 251 4.61 5.28 -18.40
C HIS A 251 5.91 4.74 -17.90
N PRO A 252 6.87 5.62 -17.56
CA PRO A 252 8.16 5.15 -17.02
C PRO A 252 8.02 4.51 -15.64
N VAL A 253 8.15 3.20 -15.58
CA VAL A 253 8.05 2.48 -14.31
C VAL A 253 9.29 1.61 -14.17
N VAL A 254 9.92 1.66 -13.01
CA VAL A 254 11.09 0.82 -12.74
C VAL A 254 10.73 -0.21 -11.68
N PRO A 255 10.56 -1.50 -12.06
CA PRO A 255 10.31 -2.51 -11.06
C PRO A 255 11.61 -2.80 -10.31
N PHE A 256 11.53 -2.86 -8.99
CA PHE A 256 12.69 -3.15 -8.19
C PHE A 256 12.31 -4.06 -7.03
N ALA A 257 13.19 -4.97 -6.64
CA ALA A 257 12.90 -5.87 -5.54
C ALA A 257 13.98 -5.78 -4.49
N VAL A 258 13.56 -5.73 -3.21
CA VAL A 258 14.46 -5.74 -2.07
C VAL A 258 14.24 -6.99 -1.20
N SER A 259 15.19 -7.32 -0.32
CA SER A 259 15.04 -8.49 0.54
C SER A 259 14.20 -8.15 1.78
N ASP A 260 13.72 -9.19 2.45
CA ASP A 260 13.03 -9.02 3.75
C ASP A 260 13.94 -8.32 4.75
N ALA A 261 15.23 -8.63 4.73
CA ALA A 261 16.18 -8.00 5.65
C ALA A 261 16.28 -6.50 5.41
N MET A 262 16.29 -6.07 4.14
CA MET A 262 16.31 -4.64 3.84
C MET A 262 15.03 -3.96 4.31
N ALA A 263 13.88 -4.60 4.06
CA ALA A 263 12.59 -4.04 4.46
C ALA A 263 12.53 -3.95 5.98
N ALA A 264 13.02 -4.96 6.67
CA ALA A 264 12.95 -4.99 8.14
C ALA A 264 13.85 -3.90 8.74
N ASP A 265 15.02 -3.74 8.15
CA ASP A 265 15.95 -2.73 8.63
C ASP A 265 15.33 -1.35 8.44
N ALA A 266 14.59 -1.17 7.34
CA ALA A 266 13.99 0.14 7.09
C ALA A 266 12.90 0.45 8.13
N VAL A 267 12.12 -0.57 8.50
CA VAL A 267 11.09 -0.39 9.54
C VAL A 267 11.77 0.06 10.84
N ARG A 268 12.89 -0.58 11.17
CA ARG A 268 13.58 -0.27 12.42
C ARG A 268 14.10 1.16 12.35
N LEU A 269 14.73 1.51 11.23
CA LEU A 269 15.33 2.87 11.07
C LEU A 269 14.27 3.96 11.06
N PHE A 270 13.14 3.71 10.39
CA PHE A 270 12.04 4.65 10.39
C PHE A 270 11.43 4.85 11.80
N ALA A 271 11.36 3.77 12.57
CA ALA A 271 10.85 3.89 13.97
C ALA A 271 11.81 4.77 14.78
N GLU A 272 13.12 4.54 14.63
CA GLU A 272 14.11 5.35 15.36
C GLU A 272 14.13 6.82 14.91
N ASP A 273 14.05 7.06 13.60
CA ASP A 273 14.17 8.40 13.03
C ASP A 273 12.90 9.24 13.15
N PHE A 274 11.75 8.66 12.78
CA PHE A 274 10.49 9.40 12.71
C PHE A 274 9.48 9.03 13.79
N LYS A 275 9.82 8.05 14.61
CA LYS A 275 9.05 7.66 15.82
C LYS A 275 7.69 7.09 15.37
N MET A 276 7.67 6.43 14.22
CA MET A 276 6.45 5.82 13.72
C MET A 276 6.73 4.39 13.35
N LEU A 277 5.78 3.52 13.66
CA LEU A 277 5.87 2.10 13.30
C LEU A 277 5.09 1.86 12.04
N VAL A 278 5.77 1.42 10.98
CA VAL A 278 5.11 1.07 9.74
C VAL A 278 5.39 -0.38 9.36
N GLU A 279 4.53 -0.92 8.52
CA GLU A 279 4.65 -2.32 8.07
C GLU A 279 5.87 -2.48 7.19
N ALA A 280 6.39 -3.70 7.13
CA ALA A 280 7.48 -4.01 6.19
C ALA A 280 7.14 -3.71 4.74
N SER A 281 5.84 -3.73 4.38
CA SER A 281 5.40 -3.25 3.08
C SER A 281 5.90 -1.82 2.76
N ALA A 282 5.68 -0.90 3.71
CA ALA A 282 6.16 0.47 3.55
C ALA A 282 7.67 0.50 3.71
N GLY A 283 8.16 -0.39 4.56
CA GLY A 283 9.59 -0.51 4.81
C GLY A 283 10.32 -0.84 3.50
N ALA A 284 9.71 -1.62 2.63
CA ALA A 284 10.32 -1.93 1.31
C ALA A 284 10.63 -0.65 0.52
N ALA A 285 9.69 0.29 0.48
CA ALA A 285 9.92 1.54 -0.26
C ALA A 285 10.98 2.41 0.42
N LEU A 286 10.91 2.52 1.74
CA LEU A 286 11.90 3.28 2.51
C LEU A 286 13.33 2.73 2.37
N SER A 287 13.43 1.42 2.13
CA SER A 287 14.73 0.76 2.08
C SER A 287 15.59 1.26 0.92
N LEU A 288 14.97 1.74 -0.15
CA LEU A 288 15.74 2.29 -1.27
C LEU A 288 16.51 3.53 -0.83
N CYS A 289 15.95 4.29 0.12
CA CYS A 289 16.62 5.47 0.64
C CYS A 289 17.69 5.13 1.66
N TYR A 290 17.31 4.30 2.63
CA TYR A 290 18.21 3.92 3.71
C TYR A 290 19.46 3.17 3.22
N THR A 291 19.30 2.37 2.17
CA THR A 291 20.45 1.66 1.60
C THR A 291 21.20 2.45 0.52
N HIS A 292 20.64 3.59 0.08
CA HIS A 292 21.24 4.39 -1.00
C HIS A 292 21.06 3.74 -2.36
N LEU A 293 20.33 2.63 -2.41
CA LEU A 293 20.09 1.97 -3.70
C LEU A 293 19.37 2.89 -4.68
N ILE A 294 18.62 3.87 -4.17
CA ILE A 294 17.97 4.88 -5.02
C ILE A 294 18.99 5.58 -5.95
N ARG A 295 20.21 5.79 -5.46
CA ARG A 295 21.27 6.43 -6.24
C ARG A 295 21.78 5.55 -7.40
N ASP A 296 21.73 4.24 -7.23
CA ASP A 296 22.10 3.30 -8.29
C ASP A 296 21.01 3.23 -9.38
N ILE A 297 19.76 3.40 -8.97
CA ILE A 297 18.62 3.42 -9.90
C ILE A 297 18.55 4.75 -10.67
N LEU A 298 18.76 5.86 -9.96
CA LEU A 298 18.73 7.18 -10.59
C LEU A 298 20.05 7.91 -10.35
N PRO A 299 21.05 7.70 -11.23
CA PRO A 299 22.38 8.26 -10.95
C PRO A 299 22.46 9.79 -11.03
N SER A 300 21.44 10.42 -11.62
CA SER A 300 21.39 11.87 -11.80
C SER A 300 20.99 12.67 -10.56
N LEU A 301 20.52 11.98 -9.51
CA LEU A 301 20.05 12.67 -8.31
C LEU A 301 21.05 13.71 -7.80
N SER A 302 20.53 14.87 -7.41
CA SER A 302 21.33 15.97 -6.88
C SER A 302 20.51 16.75 -5.83
N PRO A 303 21.17 17.62 -5.03
CA PRO A 303 20.43 18.40 -4.03
C PRO A 303 19.39 19.35 -4.64
N ALA A 304 19.42 19.48 -5.96
CA ALA A 304 18.42 20.26 -6.70
C ALA A 304 17.19 19.43 -7.06
N LYS A 305 17.19 18.15 -6.69
CA LYS A 305 16.10 17.24 -7.09
C LYS A 305 15.38 16.65 -5.89
N ASP A 306 14.13 16.21 -6.14
CA ASP A 306 13.24 15.73 -5.08
C ASP A 306 12.88 14.25 -5.34
N VAL A 307 12.90 13.44 -4.28
CA VAL A 307 12.32 12.09 -4.37
CA VAL A 307 12.38 12.06 -4.32
C VAL A 307 11.23 11.98 -3.31
N VAL A 308 10.11 11.35 -3.70
CA VAL A 308 8.96 11.20 -2.81
C VAL A 308 8.79 9.71 -2.48
N VAL A 309 8.69 9.37 -1.20
CA VAL A 309 8.48 7.97 -0.81
C VAL A 309 7.07 7.89 -0.28
N LEU A 310 6.26 6.97 -0.83
CA LEU A 310 4.90 6.77 -0.30
C LEU A 310 4.97 5.86 0.90
N VAL A 311 4.75 6.44 2.08
CA VAL A 311 4.87 5.68 3.30
C VAL A 311 3.48 5.16 3.63
N THR A 312 3.25 3.93 3.22
CA THR A 312 1.87 3.42 3.13
C THR A 312 1.22 3.08 4.47
N GLY A 313 2.04 2.94 5.52
CA GLY A 313 1.54 2.79 6.87
C GLY A 313 1.32 1.32 7.15
N GLY A 314 0.11 0.98 7.54
CA GLY A 314 -0.27 -0.41 7.78
C GLY A 314 -0.33 -0.80 9.25
N SER A 315 -1.19 -1.76 9.56
CA SER A 315 -1.41 -2.16 10.95
C SER A 315 -0.81 -3.51 11.28
N ASP A 316 -0.22 -4.21 10.32
CA ASP A 316 0.39 -5.51 10.58
C ASP A 316 1.82 -5.31 11.06
N ILE A 317 1.95 -4.67 12.21
CA ILE A 317 3.24 -4.31 12.77
C ILE A 317 2.97 -4.11 14.25
N SER A 318 3.99 -4.31 15.08
CA SER A 318 3.85 -4.27 16.54
C SER A 318 5.25 -4.31 17.14
N LEU A 319 5.33 -4.09 18.45
CA LEU A 319 6.60 -4.19 19.15
C LEU A 319 7.18 -5.60 19.04
N ALA A 320 6.32 -6.61 19.03
CA ALA A 320 6.83 -7.97 18.89
C ALA A 320 7.39 -8.20 17.48
N HIS A 321 6.83 -7.53 16.47
CA HIS A 321 7.41 -7.63 15.10
C HIS A 321 8.81 -7.08 15.12
N LEU A 322 8.97 -5.93 15.76
CA LEU A 322 10.27 -5.26 15.82
C LEU A 322 11.30 -6.07 16.61
N ASP A 323 10.85 -6.75 17.67
CA ASP A 323 11.72 -7.71 18.37
C ASP A 323 12.23 -8.78 17.40
N GLU A 324 11.28 -9.37 16.65
CA GLU A 324 11.58 -10.44 15.72
C GLU A 324 12.49 -10.00 14.60
N TYR A 325 12.21 -8.82 14.05
CA TYR A 325 13.00 -8.28 12.94
C TYR A 325 14.45 -8.09 13.36
N ARG A 326 14.64 -7.49 14.53
CA ARG A 326 15.98 -7.24 15.06
C ARG A 326 16.76 -8.55 15.25
N LYS A 327 16.15 -9.55 15.89
CA LYS A 327 16.78 -10.88 16.07
C LYS A 327 17.16 -11.58 14.79
N LYS A 328 16.30 -11.48 13.77
CA LYS A 328 16.39 -12.35 12.59
C LYS A 328 17.21 -11.77 11.42
N TYR A 329 17.17 -10.44 11.26
CA TYR A 329 17.72 -9.79 10.07
C TYR A 329 18.90 -8.85 10.28
N MET A 330 19.17 -8.47 11.50
CA MET A 330 20.18 -7.44 11.78
C MET A 330 21.42 -7.97 12.50
N1 PLP B . 1.57 -0.98 1.57
C2 PLP B . 0.55 -1.17 2.43
C2A PLP B . 0.73 -0.99 3.92
C3 PLP B . -0.76 -1.56 1.92
O3 PLP B . -1.82 -1.76 2.78
C4 PLP B . -0.90 -1.70 0.45
C4A PLP B . -2.20 -2.06 -0.12
C5 PLP B . 0.29 -1.47 -0.41
C6 PLP B . 1.48 -1.11 0.22
C5A PLP B . 0.24 -1.60 -1.93
O4P PLP B . -0.86 -2.45 -2.27
P PLP B . -1.47 -2.76 -3.75
O1P PLP B . -2.46 -1.71 -4.08
O2P PLP B . -0.30 -2.87 -4.75
O3P PLP B . -2.06 -4.10 -3.46
#